data_8PWB
#
_entry.id   8PWB
#
_cell.length_a   63.690
_cell.length_b   63.690
_cell.length_c   224.770
_cell.angle_alpha   90.000
_cell.angle_beta   90.000
_cell.angle_gamma   120.000
#
_symmetry.space_group_name_H-M   'P 32 2 1'
#
loop_
_entity.id
_entity.type
_entity.pdbx_description
1 polymer 'N6-adenosine-methyltransferase catalytic subunit'
2 polymer 'N6-adenosine-methyltransferase non-catalytic subunit'
3 non-polymer '(2~{S})-4-[[(2~{R},3~{S},4~{R},5~{R})-5-(6-aminopurin-9-yl)-3,4-bis(oxidanyl)oxolan-2-yl]methyl-(7~{H}-purin-6-ylcarbamoyl)amino]-2-azanyl-butanoic acid'
4 non-polymer 'ACETATE ION'
5 water water
#
loop_
_entity_poly.entity_id
_entity_poly.type
_entity_poly.pdbx_seq_one_letter_code
_entity_poly.pdbx_strand_id
1 'polypeptide(L)'
;MALTQSVGGDSSADRLFPPQWICCDIRYLDVSILGKFAVVMADPPWDIHMELPYGTLTDDEMRRLNIPVLQDDGFLFLWV
TGRAMELGRECLNLWGYERVDEIIWVKTNQLQRIIRTGRTGHWLNHGKEHCLVGVKGNPQGFNQGLDCDVIVAEVRSTSH
KPDEIYGMIERLSPGTRKIELFGRPHNVQPNWITLGNQLDGIHLLDPDVVARFKQRYPDGIISKPKNL
;
A
2 'polypeptide(L)'
;GLKGTQSLNPHNDYCQHFVDTGHRPQNFIRDVGLADRFEEYPKLRELIRLKDELIAKSNTPPMYLQADIEAFDIRELTPK
FDVILLEPPLEEYYRETGITANEKCWTWDDIMKLEIDEIAAPRSFIFLWCGSGEGLDLGRVCLRKWGYRRCEDICWIKTN
KNNPGKTKTLDPKAVFQRTKEHCLMGIKGTVKRSTDGDFIHANVDIDLIITEEPEIGNIEKPVEIFHIIEHFCLGRRRLH
LFGRDSTIRPGWLTVGPTLTNSNYNAETYASYFSAPNSYLTGCTEEIERL
;
B
#
# COMPACT_ATOMS: atom_id res chain seq x y z
N LEU A 16 -9.78 20.16 26.70
CA LEU A 16 -11.18 20.42 26.42
C LEU A 16 -11.80 19.55 25.29
N PHE A 17 -12.49 18.49 25.69
CA PHE A 17 -13.06 17.41 24.88
C PHE A 17 -13.82 17.79 23.58
N PRO A 18 -14.57 18.90 23.50
CA PRO A 18 -15.41 19.12 22.29
C PRO A 18 -14.60 19.57 21.09
N PRO A 19 -15.18 19.49 19.88
CA PRO A 19 -14.44 19.85 18.65
C PRO A 19 -13.92 21.28 18.70
N GLN A 20 -12.66 21.45 18.32
CA GLN A 20 -12.05 22.75 18.13
C GLN A 20 -11.45 22.84 16.74
N TRP A 21 -11.29 24.07 16.24
CA TRP A 21 -10.68 24.21 14.93
C TRP A 21 -10.06 25.58 14.75
N ILE A 22 -9.29 25.69 13.67
CA ILE A 22 -8.58 26.91 13.28
C ILE A 22 -8.62 26.98 11.76
N CYS A 23 -9.34 27.97 11.22
CA CYS A 23 -9.13 28.35 9.83
C CYS A 23 -7.80 29.07 9.70
N CYS A 24 -6.97 28.63 8.76
CA CYS A 24 -5.64 29.17 8.62
C CYS A 24 -5.03 28.55 7.37
N ASP A 25 -3.79 28.91 7.09
CA ASP A 25 -3.00 28.22 6.09
C ASP A 25 -1.92 27.44 6.83
N ILE A 26 -2.02 26.11 6.79
CA ILE A 26 -1.16 25.26 7.59
C ILE A 26 0.31 25.53 7.32
N ARG A 27 0.64 26.18 6.20
CA ARG A 27 2.02 26.57 5.93
C ARG A 27 2.50 27.71 6.84
N TYR A 28 1.60 28.54 7.36
CA TYR A 28 2.01 29.76 8.04
C TYR A 28 1.57 29.84 9.48
N LEU A 29 0.78 28.88 9.95
CA LEU A 29 0.38 28.89 11.34
C LEU A 29 1.55 28.42 12.19
N ASP A 30 1.76 29.09 13.32
CA ASP A 30 2.77 28.73 14.31
C ASP A 30 2.23 27.58 15.16
N VAL A 31 2.40 26.34 14.69
CA VAL A 31 1.76 25.21 15.35
C VAL A 31 2.35 24.91 16.72
N SER A 32 3.45 25.58 17.11
CA SER A 32 3.97 25.35 18.45
C SER A 32 3.04 25.86 19.52
N ILE A 33 2.06 26.68 19.18
CA ILE A 33 1.10 27.12 20.19
C ILE A 33 0.08 26.05 20.52
N LEU A 34 0.06 24.94 19.78
CA LEU A 34 -1.00 23.97 19.91
C LEU A 34 -0.70 22.83 20.89
N GLY A 35 0.55 22.67 21.34
CA GLY A 35 0.91 21.55 22.20
C GLY A 35 1.23 20.25 21.46
N LYS A 36 1.26 19.16 22.23
CA LYS A 36 1.64 17.84 21.73
C LYS A 36 0.42 16.94 21.63
N PHE A 37 0.43 16.03 20.65
CA PHE A 37 -0.74 15.22 20.33
C PHE A 37 -0.39 13.75 20.26
N ALA A 38 -1.31 12.92 20.75
CA ALA A 38 -1.12 11.48 20.74
C ALA A 38 -1.26 10.91 19.33
N VAL A 39 -2.05 11.57 18.48
CA VAL A 39 -2.31 11.15 17.11
C VAL A 39 -2.36 12.41 16.26
N VAL A 40 -1.70 12.35 15.10
CA VAL A 40 -1.75 13.35 14.05
C VAL A 40 -2.30 12.67 12.81
N MET A 41 -3.33 13.25 12.19
CA MET A 41 -3.87 12.77 10.92
C MET A 41 -3.87 13.89 9.88
N ALA A 42 -3.65 13.50 8.62
CA ALA A 42 -3.38 14.48 7.59
C ALA A 42 -3.77 13.94 6.23
N ASP A 43 -4.39 14.79 5.43
CA ASP A 43 -4.90 14.44 4.11
C ASP A 43 -4.45 15.54 3.15
N PRO A 44 -3.16 15.61 2.86
CA PRO A 44 -2.61 16.78 2.17
C PRO A 44 -3.02 16.84 0.72
N PRO A 45 -2.97 18.03 0.11
CA PRO A 45 -3.17 18.21 -1.33
C PRO A 45 -1.84 18.05 -2.05
N TRP A 46 -1.45 16.79 -2.21
CA TRP A 46 -0.23 16.47 -2.93
C TRP A 46 -0.33 16.96 -4.37
N ASP A 47 0.83 17.23 -4.98
CA ASP A 47 0.90 17.67 -6.36
C ASP A 47 1.18 16.45 -7.21
N ILE A 48 0.13 15.84 -7.74
CA ILE A 48 0.27 14.57 -8.44
C ILE A 48 -0.17 14.66 -9.90
N GLY A 55 -5.77 23.82 -5.75
CA GLY A 55 -4.95 24.27 -4.64
C GLY A 55 -4.14 23.15 -3.97
N THR A 56 -2.94 22.93 -4.51
CA THR A 56 -2.03 21.91 -4.01
C THR A 56 -0.85 22.55 -3.30
N LEU A 57 -0.02 21.69 -2.72
CA LEU A 57 1.20 22.09 -2.03
C LEU A 57 2.36 21.35 -2.69
N THR A 58 3.44 22.07 -2.92
CA THR A 58 4.58 21.47 -3.61
C THR A 58 5.30 20.53 -2.68
N ASP A 59 6.17 19.72 -3.26
CA ASP A 59 6.89 18.71 -2.47
C ASP A 59 7.76 19.34 -1.40
N ASP A 60 8.30 20.54 -1.64
CA ASP A 60 9.10 21.18 -0.60
C ASP A 60 8.23 21.77 0.49
N GLU A 61 7.08 22.34 0.09
CA GLU A 61 6.11 22.79 1.08
C GLU A 61 5.67 21.65 1.98
N MET A 62 5.29 20.50 1.41
CA MET A 62 4.97 19.34 2.23
C MET A 62 6.14 18.97 3.13
N ARG A 63 7.34 18.84 2.56
CA ARG A 63 8.54 18.49 3.35
C ARG A 63 8.78 19.49 4.48
N ARG A 64 8.43 20.74 4.26
CA ARG A 64 8.77 21.79 5.21
C ARG A 64 7.75 21.95 6.34
N LEU A 65 6.57 21.35 6.23
CA LEU A 65 5.56 21.49 7.29
C LEU A 65 6.16 21.10 8.63
N ASN A 66 5.78 21.84 9.67
CA ASN A 66 6.37 21.60 10.98
C ASN A 66 5.66 20.50 11.74
N ILE A 67 5.47 19.33 11.08
CA ILE A 67 4.95 18.17 11.80
C ILE A 67 5.80 17.81 13.01
N PRO A 68 7.14 17.84 12.96
CA PRO A 68 7.93 17.29 14.09
C PRO A 68 7.62 17.89 15.44
N VAL A 69 7.16 19.12 15.51
CA VAL A 69 6.90 19.76 16.81
C VAL A 69 5.60 19.26 17.42
N LEU A 70 4.68 18.74 16.60
CA LEU A 70 3.34 18.35 17.05
C LEU A 70 3.32 17.13 17.97
N GLN A 71 4.32 16.23 17.94
CA GLN A 71 4.30 15.07 18.82
C GLN A 71 5.67 14.72 19.37
N ASP A 72 5.67 14.18 20.60
CA ASP A 72 6.81 13.47 21.16
C ASP A 72 6.68 11.95 21.04
N ASP A 73 5.50 11.42 21.38
CA ASP A 73 5.25 9.99 21.24
C ASP A 73 3.83 9.82 20.74
N GLY A 74 3.67 9.08 19.67
CA GLY A 74 2.35 8.79 19.17
C GLY A 74 2.42 8.42 17.71
N PHE A 75 1.29 8.58 17.04
CA PHE A 75 1.07 8.05 15.72
C PHE A 75 0.71 9.15 14.75
N LEU A 76 1.15 8.97 13.51
CA LEU A 76 0.82 9.80 12.37
C LEU A 76 0.04 8.95 11.38
N PHE A 77 -1.10 9.46 10.92
CA PHE A 77 -1.91 8.82 9.89
C PHE A 77 -1.91 9.72 8.65
N LEU A 78 -1.39 9.22 7.53
CA LEU A 78 -1.06 10.04 6.35
C LEU A 78 -1.68 9.46 5.08
N TRP A 79 -2.74 10.09 4.61
CA TRP A 79 -3.39 9.65 3.37
C TRP A 79 -2.46 9.92 2.20
N VAL A 80 -2.35 8.96 1.28
CA VAL A 80 -1.47 9.06 0.13
C VAL A 80 -2.14 8.42 -1.08
N THR A 81 -1.71 8.86 -2.25
CA THR A 81 -2.24 8.44 -3.53
C THR A 81 -1.18 8.69 -4.60
N GLY A 82 -1.27 7.94 -5.69
CA GLY A 82 -0.32 8.10 -6.78
C GLY A 82 1.11 8.14 -6.27
N ARG A 83 1.90 9.07 -6.81
CA ARG A 83 3.29 9.17 -6.41
C ARG A 83 3.47 9.63 -4.98
N ALA A 84 2.40 10.13 -4.34
CA ALA A 84 2.50 10.42 -2.92
C ALA A 84 2.67 9.17 -2.08
N MET A 85 2.44 7.97 -2.63
CA MET A 85 2.75 6.77 -1.85
C MET A 85 4.24 6.73 -1.51
N GLU A 86 5.08 7.17 -2.44
CA GLU A 86 6.51 7.33 -2.22
C GLU A 86 6.82 8.65 -1.50
N LEU A 87 6.27 9.76 -1.99
CA LEU A 87 6.60 11.05 -1.40
C LEU A 87 6.19 11.13 0.06
N GLY A 88 4.99 10.65 0.38
CA GLY A 88 4.55 10.67 1.77
C GLY A 88 5.39 9.78 2.66
N ARG A 89 6.00 8.74 2.09
CA ARG A 89 6.97 7.96 2.86
C ARG A 89 8.21 8.79 3.17
N GLU A 90 8.60 9.66 2.24
CA GLU A 90 9.72 10.55 2.46
C GLU A 90 9.43 11.55 3.58
N CYS A 91 8.34 12.30 3.44
CA CYS A 91 7.92 13.21 4.52
C CYS A 91 7.79 12.48 5.84
N LEU A 92 7.23 11.28 5.81
CA LEU A 92 7.00 10.58 7.05
C LEU A 92 8.32 10.25 7.73
N ASN A 93 9.32 9.84 6.95
CA ASN A 93 10.64 9.60 7.51
C ASN A 93 11.35 10.91 7.83
N LEU A 94 11.27 11.91 6.93
CA LEU A 94 11.89 13.20 7.22
C LEU A 94 11.33 13.82 8.50
N TRP A 95 10.02 13.67 8.75
CA TRP A 95 9.44 14.25 9.95
C TRP A 95 9.81 13.49 11.22
N GLY A 96 10.50 12.36 11.12
CA GLY A 96 10.92 11.60 12.28
C GLY A 96 10.13 10.35 12.61
N TYR A 97 9.37 9.81 11.66
CA TYR A 97 8.49 8.68 11.93
C TYR A 97 9.05 7.44 11.24
N GLU A 98 8.77 6.28 11.84
CA GLU A 98 8.92 5.01 11.16
C GLU A 98 7.54 4.59 10.68
N ARG A 99 7.42 4.17 9.42
CA ARG A 99 6.11 3.69 8.97
C ARG A 99 5.91 2.25 9.44
N VAL A 100 4.96 2.04 10.37
CA VAL A 100 4.69 0.73 10.95
C VAL A 100 3.40 0.07 10.44
N ASP A 101 2.54 0.76 9.71
CA ASP A 101 1.33 0.09 9.23
C ASP A 101 0.84 0.85 8.02
N GLU A 102 -0.18 0.30 7.37
CA GLU A 102 -0.73 0.97 6.21
C GLU A 102 -2.17 0.56 6.08
N ILE A 103 -3.08 1.50 6.33
CA ILE A 103 -4.52 1.25 6.24
C ILE A 103 -4.95 1.36 4.78
N ILE A 104 -5.86 0.48 4.39
CA ILE A 104 -6.45 0.44 3.05
C ILE A 104 -7.94 0.66 3.22
N TRP A 105 -8.47 1.71 2.59
CA TRP A 105 -9.92 1.95 2.55
C TRP A 105 -10.46 1.44 1.23
N VAL A 106 -11.21 0.35 1.27
CA VAL A 106 -11.89 -0.17 0.09
C VAL A 106 -13.19 0.64 -0.10
N LYS A 107 -13.28 1.34 -1.23
CA LYS A 107 -14.38 2.28 -1.51
C LYS A 107 -15.55 1.51 -2.11
N THR A 108 -16.66 1.47 -1.40
CA THR A 108 -17.88 0.83 -1.90
C THR A 108 -18.95 1.88 -2.20
N ASN A 109 -20.03 1.40 -2.83
CA ASN A 109 -21.26 2.17 -2.98
C ASN A 109 -22.22 1.80 -1.84
N GLN A 110 -23.49 2.23 -1.94
CA GLN A 110 -24.43 1.98 -0.86
C GLN A 110 -24.87 0.51 -0.77
N LEU A 111 -24.44 -0.33 -1.71
CA LEU A 111 -24.74 -1.76 -1.71
C LEU A 111 -23.49 -2.63 -1.53
N GLN A 112 -22.40 -2.07 -1.00
CA GLN A 112 -21.20 -2.82 -0.61
C GLN A 112 -20.48 -3.44 -1.81
N ARG A 113 -20.62 -2.85 -2.99
CA ARG A 113 -19.86 -3.24 -4.16
C ARG A 113 -18.73 -2.24 -4.36
N ILE A 114 -17.56 -2.73 -4.79
CA ILE A 114 -16.43 -1.83 -5.03
C ILE A 114 -16.76 -0.89 -6.17
N ILE A 115 -16.52 0.41 -5.97
CA ILE A 115 -16.97 1.38 -6.96
C ILE A 115 -16.11 1.37 -8.23
N ARG A 116 -14.88 0.86 -8.14
CA ARG A 116 -13.85 1.00 -9.20
C ARG A 116 -13.43 2.46 -9.38
N THR A 117 -13.26 2.87 -10.64
CA THR A 117 -12.87 4.24 -11.04
C THR A 117 -11.43 4.59 -10.66
N HIS A 122 -3.70 4.23 -13.59
CA HIS A 122 -3.38 4.32 -15.01
C HIS A 122 -3.35 2.94 -15.69
N TRP A 123 -2.85 1.91 -14.99
CA TRP A 123 -2.81 0.55 -15.51
C TRP A 123 -3.95 -0.33 -15.00
N LEU A 124 -4.56 0.04 -13.89
CA LEU A 124 -5.59 -0.71 -13.21
C LEU A 124 -6.58 0.30 -12.63
N ASN A 125 -7.84 -0.08 -12.60
CA ASN A 125 -8.79 0.76 -11.89
C ASN A 125 -8.50 0.66 -10.40
N HIS A 126 -8.89 1.69 -9.66
CA HIS A 126 -8.46 1.83 -8.27
C HIS A 126 -9.63 1.58 -7.35
N GLY A 127 -9.51 0.54 -6.54
CA GLY A 127 -10.60 0.23 -5.64
C GLY A 127 -10.45 0.81 -4.26
N LYS A 128 -9.38 1.55 -4.00
CA LYS A 128 -8.95 1.80 -2.64
C LYS A 128 -8.12 3.08 -2.56
N GLU A 129 -7.96 3.54 -1.32
CA GLU A 129 -7.02 4.61 -0.98
C GLU A 129 -6.22 4.19 0.24
N HIS A 130 -5.00 4.68 0.31
CA HIS A 130 -4.03 4.25 1.30
C HIS A 130 -3.81 5.33 2.34
N CYS A 131 -3.52 4.90 3.56
CA CYS A 131 -3.22 5.78 4.69
C CYS A 131 -2.04 5.17 5.44
N LEU A 132 -0.88 5.82 5.34
CA LEU A 132 0.31 5.34 6.01
C LEU A 132 0.19 5.60 7.49
N VAL A 133 0.67 4.66 8.29
CA VAL A 133 0.68 4.78 9.74
C VAL A 133 2.13 4.84 10.19
N GLY A 134 2.51 5.95 10.80
CA GLY A 134 3.86 6.15 11.31
C GLY A 134 3.89 6.21 12.83
N VAL A 135 4.94 5.67 13.43
CA VAL A 135 5.17 5.82 14.86
C VAL A 135 6.35 6.75 15.06
N LYS A 136 6.28 7.55 16.14
CA LYS A 136 7.35 8.42 16.60
C LYS A 136 7.51 8.20 18.09
N GLY A 137 8.75 8.15 18.56
CA GLY A 137 9.00 7.86 19.96
C GLY A 137 8.58 6.46 20.36
N ASN A 138 8.14 6.33 21.60
CA ASN A 138 7.63 5.06 22.12
C ASN A 138 6.30 5.35 22.79
N PRO A 139 5.21 5.26 22.06
CA PRO A 139 3.90 5.52 22.66
C PRO A 139 3.49 4.34 23.54
N GLN A 140 2.97 4.65 24.71
CA GLN A 140 2.54 3.62 25.65
C GLN A 140 1.08 3.78 26.01
N GLY A 141 0.44 2.64 26.26
CA GLY A 141 -0.96 2.61 26.63
C GLY A 141 -1.89 2.67 25.45
N PHE A 142 -1.40 2.43 24.26
CA PHE A 142 -2.24 2.41 23.10
C PHE A 142 -2.74 1.00 22.93
N ASN A 143 -4.00 0.86 22.54
CA ASN A 143 -4.61 -0.44 22.34
C ASN A 143 -4.31 -0.91 20.92
N GLN A 144 -3.06 -1.25 20.70
CA GLN A 144 -2.68 -1.83 19.44
C GLN A 144 -3.37 -3.18 19.29
N GLY A 145 -3.81 -3.50 18.07
CA GLY A 145 -4.43 -4.78 17.78
C GLY A 145 -5.94 -4.81 17.73
N LEU A 146 -6.63 -3.73 18.12
CA LEU A 146 -8.08 -3.77 18.24
C LEU A 146 -8.81 -3.75 16.89
N ASP A 147 -8.35 -2.94 15.94
CA ASP A 147 -8.93 -2.91 14.60
C ASP A 147 -7.99 -3.57 13.61
N CYS A 148 -8.49 -3.79 12.40
CA CYS A 148 -7.65 -4.36 11.37
C CYS A 148 -7.44 -3.36 10.24
N ASP A 149 -6.42 -3.62 9.42
CA ASP A 149 -5.91 -2.61 8.49
C ASP A 149 -6.76 -2.43 7.24
N VAL A 150 -8.03 -2.85 7.26
CA VAL A 150 -8.88 -2.68 6.09
C VAL A 150 -10.17 -2.02 6.52
N ILE A 151 -10.46 -0.86 5.92
CA ILE A 151 -11.72 -0.16 6.11
C ILE A 151 -12.58 -0.44 4.90
N VAL A 152 -13.85 -0.77 5.12
CA VAL A 152 -14.83 -0.91 4.07
C VAL A 152 -15.95 0.05 4.40
N ALA A 153 -16.18 1.02 3.52
CA ALA A 153 -17.02 2.17 3.84
C ALA A 153 -17.39 2.89 2.56
N GLU A 154 -18.57 3.48 2.57
CA GLU A 154 -19.12 4.10 1.36
C GLU A 154 -18.38 5.40 1.04
N VAL A 155 -18.10 5.60 -0.24
CA VAL A 155 -17.56 6.87 -0.71
C VAL A 155 -18.62 7.97 -0.59
N ARG A 156 -18.17 9.21 -0.39
CA ARG A 156 -19.05 10.37 -0.30
C ARG A 156 -18.58 11.50 -1.20
N SER A 157 -18.35 12.70 -0.65
CA SER A 157 -17.88 13.81 -1.46
C SER A 157 -16.44 13.56 -1.94
N THR A 158 -15.96 14.42 -2.84
CA THR A 158 -14.64 14.23 -3.42
C THR A 158 -13.54 14.49 -2.39
N SER A 159 -12.61 13.54 -2.28
CA SER A 159 -11.51 13.54 -1.32
C SER A 159 -12.00 13.45 0.13
N HIS A 160 -13.26 13.04 0.33
CA HIS A 160 -13.83 12.91 1.66
C HIS A 160 -13.44 11.56 2.26
N LYS A 161 -12.71 11.57 3.34
CA LYS A 161 -12.31 10.28 3.87
C LYS A 161 -13.39 9.75 4.79
N PRO A 162 -13.43 8.43 5.04
CA PRO A 162 -14.52 7.86 5.83
C PRO A 162 -14.40 8.13 7.33
N ASP A 163 -15.56 8.32 7.97
CA ASP A 163 -15.59 8.60 9.41
C ASP A 163 -15.17 7.41 10.25
N GLU A 164 -15.12 6.22 9.67
CA GLU A 164 -14.70 5.05 10.44
C GLU A 164 -13.30 5.24 11.02
N ILE A 165 -12.44 6.04 10.37
CA ILE A 165 -11.09 6.22 10.87
C ILE A 165 -11.08 6.84 12.25
N TYR A 166 -12.07 7.69 12.55
CA TYR A 166 -12.12 8.29 13.88
C TYR A 166 -12.40 7.22 14.96
N GLY A 167 -13.28 6.27 14.65
CA GLY A 167 -13.52 5.18 15.59
C GLY A 167 -12.29 4.36 15.87
N MET A 168 -11.58 3.94 14.80
CA MET A 168 -10.36 3.17 15.02
C MET A 168 -9.33 3.97 15.80
N ILE A 169 -9.17 5.25 15.47
CA ILE A 169 -8.20 6.08 16.20
C ILE A 169 -8.62 6.27 17.64
N GLU A 170 -9.92 6.48 17.90
CA GLU A 170 -10.39 6.58 19.27
C GLU A 170 -10.17 5.27 20.04
N ARG A 171 -10.46 4.12 19.42
CA ARG A 171 -10.22 2.87 20.14
C ARG A 171 -8.74 2.65 20.39
N LEU A 172 -7.87 3.24 19.58
CA LEU A 172 -6.44 3.00 19.74
C LEU A 172 -5.87 3.85 20.86
N SER A 173 -6.29 5.11 20.91
CA SER A 173 -5.80 6.09 21.89
C SER A 173 -7.01 6.80 22.48
N PRO A 174 -7.73 6.16 23.40
CA PRO A 174 -8.94 6.79 23.96
C PRO A 174 -8.64 8.00 24.82
N GLY A 175 -9.47 9.04 24.67
CA GLY A 175 -9.43 10.25 25.48
C GLY A 175 -8.30 11.24 25.23
N THR A 176 -7.28 10.89 24.44
CA THR A 176 -6.11 11.72 24.19
C THR A 176 -6.41 12.79 23.16
N ARG A 177 -5.56 13.82 23.11
CA ARG A 177 -5.76 14.92 22.17
C ARG A 177 -5.15 14.59 20.80
N LYS A 178 -5.87 14.95 19.74
CA LYS A 178 -5.53 14.56 18.37
C LYS A 178 -5.65 15.78 17.46
N ILE A 179 -4.89 15.76 16.36
CA ILE A 179 -4.89 16.90 15.47
C ILE A 179 -5.02 16.42 14.04
N GLU A 180 -5.98 17.00 13.33
CA GLU A 180 -6.14 16.81 11.91
C GLU A 180 -5.64 18.03 11.16
N LEU A 181 -4.95 17.79 10.05
CA LEU A 181 -4.44 18.79 9.12
C LEU A 181 -5.17 18.66 7.79
N PHE A 182 -5.62 19.78 7.22
CA PHE A 182 -6.36 19.82 5.96
C PHE A 182 -7.72 19.17 6.10
N GLY A 183 -8.41 19.46 7.19
CA GLY A 183 -9.77 19.02 7.39
C GLY A 183 -10.75 20.07 6.91
N ARG A 184 -11.91 19.61 6.49
CA ARG A 184 -13.05 20.44 6.21
C ARG A 184 -13.96 20.45 7.43
N PRO A 185 -15.01 21.28 7.45
CA PRO A 185 -15.89 21.31 8.64
C PRO A 185 -16.45 19.95 9.03
N HIS A 186 -16.83 19.11 8.07
CA HIS A 186 -17.33 17.78 8.40
C HIS A 186 -16.29 16.90 9.08
N ASN A 187 -15.02 17.30 9.13
CA ASN A 187 -14.02 16.51 9.82
C ASN A 187 -13.93 16.82 11.32
N VAL A 188 -14.55 17.91 11.79
CA VAL A 188 -14.36 18.27 13.18
C VAL A 188 -14.95 17.17 14.04
N GLN A 189 -14.29 16.88 15.14
CA GLN A 189 -14.55 15.70 15.94
C GLN A 189 -14.15 16.03 17.36
N PRO A 190 -14.86 15.48 18.36
CA PRO A 190 -14.43 15.64 19.75
C PRO A 190 -13.03 15.07 19.97
N ASN A 191 -12.32 15.64 20.95
CA ASN A 191 -10.92 15.36 21.26
C ASN A 191 -9.97 15.76 20.15
N TRP A 192 -10.44 16.34 19.04
CA TRP A 192 -9.59 16.76 17.94
C TRP A 192 -9.58 18.29 17.80
N ILE A 193 -8.48 18.79 17.25
CA ILE A 193 -8.33 20.17 16.78
C ILE A 193 -8.12 20.07 15.28
N THR A 194 -8.97 20.73 14.49
CA THR A 194 -8.94 20.55 13.04
C THR A 194 -8.39 21.81 12.39
N LEU A 195 -7.44 21.65 11.47
CA LEU A 195 -6.85 22.79 10.79
C LEU A 195 -7.13 22.68 9.29
N GLY A 196 -7.51 23.80 8.69
CA GLY A 196 -7.85 23.84 7.29
C GLY A 196 -8.20 25.27 6.96
N ASN A 197 -8.14 25.58 5.66
CA ASN A 197 -8.45 26.93 5.21
C ASN A 197 -9.88 27.08 4.75
N GLN A 198 -10.70 26.03 4.84
CA GLN A 198 -12.13 26.16 4.58
C GLN A 198 -12.96 25.97 5.84
N LEU A 199 -12.35 26.13 7.00
CA LEU A 199 -13.09 26.08 8.26
C LEU A 199 -13.65 27.47 8.54
N ASP A 200 -14.79 27.49 9.23
CA ASP A 200 -15.47 28.75 9.54
C ASP A 200 -14.76 29.35 10.75
N GLY A 201 -13.67 30.07 10.47
CA GLY A 201 -12.99 30.84 11.49
C GLY A 201 -12.20 30.01 12.49
N ILE A 202 -12.11 30.53 13.71
CA ILE A 202 -11.35 29.91 14.80
C ILE A 202 -12.32 29.57 15.92
N HIS A 203 -12.09 28.41 16.57
CA HIS A 203 -12.94 27.93 17.67
C HIS A 203 -12.07 27.11 18.61
N LEU A 204 -11.55 27.74 19.67
CA LEU A 204 -10.62 27.11 20.60
C LEU A 204 -11.18 27.18 22.01
N LEU A 205 -11.08 26.08 22.75
CA LEU A 205 -11.68 25.91 24.07
C LEU A 205 -10.69 25.43 25.11
N ASP A 206 -9.77 24.55 24.73
CA ASP A 206 -8.67 24.17 25.60
C ASP A 206 -7.98 25.44 26.12
N PRO A 207 -8.01 25.69 27.42
CA PRO A 207 -7.46 26.97 27.93
C PRO A 207 -5.98 27.16 27.64
N ASP A 208 -5.17 26.11 27.78
CA ASP A 208 -3.74 26.22 27.49
C ASP A 208 -3.49 26.73 26.07
N VAL A 209 -4.25 26.19 25.11
CA VAL A 209 -4.13 26.63 23.71
C VAL A 209 -4.61 28.06 23.56
N VAL A 210 -5.79 28.38 24.12
CA VAL A 210 -6.33 29.74 24.04
C VAL A 210 -5.31 30.75 24.56
N ALA A 211 -4.66 30.41 25.68
CA ALA A 211 -3.59 31.26 26.21
C ALA A 211 -2.52 31.48 25.16
N ARG A 212 -1.83 30.41 24.74
CA ARG A 212 -0.72 30.54 23.80
C ARG A 212 -1.17 31.17 22.50
N PHE A 213 -2.43 30.96 22.10
CA PHE A 213 -2.88 31.56 20.84
C PHE A 213 -2.99 33.08 20.97
N LYS A 214 -3.56 33.57 22.07
CA LYS A 214 -3.61 35.01 22.34
C LYS A 214 -2.21 35.63 22.32
N GLN A 215 -1.27 35.05 23.08
CA GLN A 215 0.09 35.56 23.15
C GLN A 215 0.73 35.64 21.76
N ARG A 216 0.64 34.56 20.97
CA ARG A 216 1.26 34.55 19.66
C ARG A 216 0.46 35.34 18.63
N TYR A 217 -0.86 35.43 18.80
CA TYR A 217 -1.75 36.07 17.82
C TYR A 217 -2.65 37.07 18.52
N PRO A 218 -2.09 38.13 19.11
CA PRO A 218 -2.90 39.06 19.91
C PRO A 218 -3.88 39.88 19.10
N ASP A 219 -3.70 39.96 17.80
CA ASP A 219 -4.69 40.60 16.95
C ASP A 219 -5.51 39.60 16.14
N GLY A 220 -5.12 38.34 16.13
CA GLY A 220 -5.93 37.28 15.55
C GLY A 220 -5.68 36.96 14.10
N ILE A 221 -4.63 37.50 13.49
CA ILE A 221 -4.34 37.26 12.08
C ILE A 221 -3.08 36.39 11.98
N ILE A 222 -3.10 35.43 11.05
CA ILE A 222 -2.04 34.43 10.92
C ILE A 222 -1.41 34.58 9.53
N SER A 223 -0.33 35.35 9.44
CA SER A 223 0.33 35.65 8.17
C SER A 223 1.83 35.39 8.24
N LYS A 224 2.45 35.35 7.06
CA LYS A 224 3.89 35.11 6.92
C LYS A 224 4.29 33.76 7.47
N ASN B 12 -23.70 1.39 8.53
CA ASN B 12 -23.02 0.40 9.36
C ASN B 12 -21.50 0.64 9.45
N ASP B 13 -20.95 0.50 10.65
CA ASP B 13 -19.51 0.61 10.90
C ASP B 13 -18.89 -0.78 10.95
N TYR B 14 -18.22 -1.18 9.85
CA TYR B 14 -17.63 -2.51 9.84
C TYR B 14 -16.40 -2.62 10.74
N CYS B 15 -15.70 -1.52 10.95
CA CYS B 15 -14.58 -1.54 11.88
C CYS B 15 -15.07 -1.85 13.29
N GLN B 16 -16.18 -1.23 13.68
CA GLN B 16 -16.80 -1.56 14.96
C GLN B 16 -17.33 -2.99 14.93
N HIS B 17 -17.94 -3.38 13.82
CA HIS B 17 -18.38 -4.75 13.70
C HIS B 17 -17.23 -5.71 13.95
N PHE B 18 -16.07 -5.47 13.31
CA PHE B 18 -14.94 -6.37 13.49
C PHE B 18 -14.50 -6.42 14.94
N VAL B 19 -14.51 -5.29 15.63
CA VAL B 19 -14.09 -5.29 17.02
C VAL B 19 -15.05 -6.13 17.84
N ASP B 20 -16.33 -6.10 17.47
CA ASP B 20 -17.38 -6.81 18.20
C ASP B 20 -17.37 -8.32 17.91
N THR B 21 -17.09 -8.72 16.66
CA THR B 21 -17.38 -10.07 16.19
C THR B 21 -16.20 -10.86 15.67
N GLY B 22 -15.10 -10.20 15.27
CA GLY B 22 -14.01 -10.89 14.61
C GLY B 22 -14.20 -11.07 13.12
N HIS B 23 -15.32 -10.60 12.57
CA HIS B 23 -15.52 -10.58 11.13
C HIS B 23 -14.85 -9.35 10.52
N ARG B 24 -13.84 -9.60 9.71
CA ARG B 24 -13.10 -8.54 9.04
C ARG B 24 -14.02 -7.72 8.15
N PRO B 25 -13.83 -6.40 8.08
CA PRO B 25 -14.72 -5.59 7.22
C PRO B 25 -14.82 -6.13 5.81
N GLN B 26 -13.73 -6.70 5.27
CA GLN B 26 -13.76 -7.20 3.90
C GLN B 26 -14.73 -8.35 3.71
N ASN B 27 -15.12 -9.05 4.77
CA ASN B 27 -16.06 -10.16 4.61
C ASN B 27 -17.36 -9.71 3.96
N PHE B 28 -17.70 -8.43 4.06
CA PHE B 28 -19.01 -7.97 3.64
C PHE B 28 -18.98 -7.26 2.29
N ILE B 29 -17.83 -7.27 1.62
CA ILE B 29 -17.79 -6.81 0.24
C ILE B 29 -18.51 -7.81 -0.64
N ARG B 30 -19.39 -7.33 -1.49
CA ARG B 30 -20.12 -8.20 -2.41
C ARG B 30 -19.56 -8.08 -3.83
N ASP B 31 -19.92 -9.05 -4.67
CA ASP B 31 -19.54 -9.09 -6.09
C ASP B 31 -18.11 -8.61 -6.38
N LEU B 47 -17.28 -11.85 -22.87
CA LEU B 47 -16.78 -10.48 -22.71
C LEU B 47 -15.24 -10.44 -22.78
N ILE B 48 -14.56 -10.89 -21.73
CA ILE B 48 -13.10 -10.96 -21.73
C ILE B 48 -12.59 -12.33 -22.11
N ARG B 49 -13.47 -13.29 -22.35
CA ARG B 49 -13.02 -14.65 -22.61
C ARG B 49 -12.16 -14.72 -23.86
N LEU B 50 -12.53 -13.95 -24.89
CA LEU B 50 -11.72 -13.94 -26.11
C LEU B 50 -10.30 -13.52 -25.81
N LYS B 51 -10.13 -12.48 -24.98
CA LYS B 51 -8.78 -12.08 -24.57
C LYS B 51 -8.07 -13.23 -23.87
N ASP B 52 -8.75 -13.86 -22.92
CA ASP B 52 -8.17 -15.00 -22.22
C ASP B 52 -7.79 -16.13 -23.18
N GLU B 53 -8.52 -16.28 -24.28
CA GLU B 53 -8.22 -17.36 -25.22
C GLU B 53 -7.04 -16.96 -26.11
N LEU B 54 -6.95 -15.68 -26.46
CA LEU B 54 -5.80 -15.17 -27.21
C LEU B 54 -4.52 -15.36 -26.41
N ILE B 55 -4.54 -14.96 -25.14
CA ILE B 55 -3.45 -15.27 -24.23
C ILE B 55 -3.08 -16.75 -24.28
N ALA B 56 -4.10 -17.63 -24.15
CA ALA B 56 -3.83 -19.06 -24.02
C ALA B 56 -3.23 -19.65 -25.29
N LYS B 57 -3.60 -19.11 -26.46
CA LYS B 57 -3.02 -19.59 -27.72
C LYS B 57 -1.55 -19.20 -27.83
N SER B 58 -1.24 -17.91 -27.68
CA SER B 58 0.13 -17.42 -27.77
C SER B 58 1.02 -17.80 -26.58
N ASN B 59 0.51 -18.51 -25.57
CA ASN B 59 1.37 -18.88 -24.44
C ASN B 59 2.47 -19.83 -24.89
N THR B 60 3.70 -19.50 -24.54
CA THR B 60 4.81 -20.42 -24.67
C THR B 60 4.55 -21.65 -23.80
N PRO B 61 5.09 -22.81 -24.16
CA PRO B 61 5.07 -23.97 -23.25
C PRO B 61 5.58 -23.56 -21.88
N PRO B 62 5.05 -24.15 -20.81
CA PRO B 62 5.61 -23.83 -19.49
C PRO B 62 7.04 -24.32 -19.39
N MET B 63 7.90 -23.49 -18.79
CA MET B 63 9.31 -23.83 -18.62
C MET B 63 9.67 -23.60 -17.16
N TYR B 64 10.65 -24.34 -16.68
CA TYR B 64 10.89 -24.29 -15.25
C TYR B 64 12.27 -24.83 -14.99
N LEU B 65 12.86 -24.39 -13.88
CA LEU B 65 14.25 -24.68 -13.59
C LEU B 65 14.46 -24.61 -12.09
N GLN B 66 14.84 -25.73 -11.49
CA GLN B 66 15.28 -25.70 -10.12
C GLN B 66 16.61 -24.94 -10.05
N ALA B 67 16.75 -24.10 -9.04
CA ALA B 67 17.96 -23.30 -8.86
C ALA B 67 17.88 -22.61 -7.51
N ASP B 68 18.99 -22.60 -6.78
CA ASP B 68 19.13 -21.82 -5.56
C ASP B 68 19.53 -20.41 -5.96
N ILE B 69 18.58 -19.48 -5.89
CA ILE B 69 18.76 -18.16 -6.44
C ILE B 69 19.86 -17.38 -5.71
N GLU B 70 20.18 -17.78 -4.47
CA GLU B 70 21.30 -17.14 -3.78
C GLU B 70 22.61 -17.46 -4.45
N ALA B 71 22.84 -18.73 -4.79
CA ALA B 71 24.06 -19.21 -5.43
C ALA B 71 24.00 -19.22 -6.95
N PHE B 72 22.98 -18.60 -7.54
CA PHE B 72 22.73 -18.74 -8.97
C PHE B 72 23.09 -17.43 -9.65
N ASP B 73 23.79 -17.53 -10.77
CA ASP B 73 24.01 -16.36 -11.62
C ASP B 73 22.77 -16.20 -12.49
N ILE B 74 21.86 -15.31 -12.09
CA ILE B 74 20.63 -15.09 -12.85
C ILE B 74 20.92 -14.66 -14.28
N ARG B 75 22.15 -14.21 -14.58
CA ARG B 75 22.48 -13.86 -15.96
C ARG B 75 22.36 -15.06 -16.88
N GLU B 76 22.58 -16.27 -16.35
CA GLU B 76 22.28 -17.48 -17.12
C GLU B 76 20.82 -17.55 -17.55
N LEU B 77 19.96 -16.68 -17.04
CA LEU B 77 18.54 -16.70 -17.42
C LEU B 77 18.39 -15.73 -18.58
N THR B 78 18.26 -16.26 -19.79
CA THR B 78 18.10 -15.48 -21.00
C THR B 78 16.93 -16.02 -21.82
N PRO B 79 16.37 -15.21 -22.73
CA PRO B 79 16.72 -13.81 -23.00
C PRO B 79 16.24 -12.89 -21.90
N LYS B 80 16.26 -11.60 -22.15
CA LYS B 80 15.80 -10.63 -21.16
C LYS B 80 14.29 -10.64 -21.12
N PHE B 81 13.73 -10.41 -19.92
CA PHE B 81 12.32 -10.66 -19.68
C PHE B 81 11.47 -9.40 -19.84
N ASP B 82 10.24 -9.61 -20.32
CA ASP B 82 9.23 -8.55 -20.39
C ASP B 82 8.49 -8.37 -19.07
N VAL B 83 8.29 -9.44 -18.30
CA VAL B 83 7.56 -9.44 -17.04
C VAL B 83 8.32 -10.30 -16.04
N ILE B 84 8.49 -9.81 -14.82
CA ILE B 84 9.16 -10.57 -13.77
C ILE B 84 8.27 -10.59 -12.55
N LEU B 85 7.80 -11.77 -12.18
CA LEU B 85 7.05 -11.95 -10.95
C LEU B 85 8.01 -12.45 -9.88
N LEU B 86 8.01 -11.80 -8.74
CA LEU B 86 9.04 -12.02 -7.73
C LEU B 86 8.36 -12.27 -6.40
N GLU B 87 8.61 -13.46 -5.86
CA GLU B 87 7.82 -13.98 -4.73
C GLU B 87 8.76 -14.63 -3.73
N PRO B 88 9.64 -13.85 -3.11
CA PRO B 88 10.65 -14.42 -2.23
C PRO B 88 10.02 -14.87 -0.92
N PRO B 89 10.50 -15.96 -0.34
CA PRO B 89 9.89 -16.50 0.88
C PRO B 89 10.24 -15.71 2.12
N LEU B 90 9.35 -14.80 2.52
CA LEU B 90 9.58 -13.91 3.63
C LEU B 90 9.26 -14.60 4.95
N GLU B 91 10.11 -14.34 5.97
CA GLU B 91 9.88 -14.88 7.32
C GLU B 91 8.46 -14.67 7.78
N GLU B 92 7.87 -13.50 7.50
CA GLU B 92 6.53 -13.21 7.98
C GLU B 92 5.50 -14.20 7.44
N TYR B 93 5.75 -14.80 6.26
CA TYR B 93 4.82 -15.79 5.71
C TYR B 93 4.72 -17.04 6.58
N TYR B 94 5.77 -17.33 7.34
CA TYR B 94 5.81 -18.48 8.24
C TYR B 94 5.63 -17.94 9.66
N ARG B 95 4.46 -18.20 10.26
CA ARG B 95 4.18 -17.76 11.62
C ARG B 95 3.19 -18.70 12.32
N LYS B 104 14.63 -22.20 3.85
CA LYS B 104 15.33 -20.93 3.94
C LYS B 104 14.40 -19.74 3.65
N CYS B 105 14.10 -18.93 4.66
CA CYS B 105 13.45 -17.65 4.45
C CYS B 105 14.43 -16.67 3.81
N TRP B 106 13.89 -15.64 3.13
CA TRP B 106 14.72 -14.58 2.56
C TRP B 106 14.46 -13.27 3.31
N THR B 107 15.55 -12.56 3.62
CA THR B 107 15.47 -11.21 4.19
C THR B 107 15.44 -10.17 3.08
N TRP B 108 14.92 -8.99 3.40
CA TRP B 108 14.97 -7.93 2.40
C TRP B 108 16.41 -7.56 2.06
N ASP B 109 17.33 -7.81 3.00
CA ASP B 109 18.75 -7.70 2.71
C ASP B 109 19.13 -8.61 1.54
N ASP B 110 18.73 -9.89 1.60
CA ASP B 110 19.02 -10.82 0.51
C ASP B 110 18.29 -10.46 -0.77
N ILE B 111 17.05 -9.98 -0.67
CA ILE B 111 16.30 -9.64 -1.88
C ILE B 111 16.90 -8.41 -2.56
N MET B 112 17.28 -7.40 -1.77
CA MET B 112 17.85 -6.20 -2.38
C MET B 112 19.09 -6.48 -3.21
N LYS B 113 19.78 -7.62 -2.97
CA LYS B 113 21.03 -7.92 -3.64
C LYS B 113 20.85 -8.67 -4.95
N LEU B 114 19.63 -9.06 -5.32
CA LEU B 114 19.44 -9.78 -6.57
C LEU B 114 19.72 -8.85 -7.75
N GLU B 115 20.37 -9.36 -8.77
CA GLU B 115 20.71 -8.51 -9.91
C GLU B 115 19.58 -8.48 -10.93
N ILE B 116 18.39 -8.12 -10.44
CA ILE B 116 17.21 -8.08 -11.29
C ILE B 116 17.41 -7.22 -12.53
N ASP B 117 18.16 -6.12 -12.39
CA ASP B 117 18.38 -5.23 -13.54
C ASP B 117 19.13 -5.91 -14.67
N GLU B 118 19.87 -6.99 -14.39
CA GLU B 118 20.64 -7.61 -15.47
C GLU B 118 19.83 -8.59 -16.29
N ILE B 119 18.63 -8.97 -15.86
CA ILE B 119 17.81 -9.89 -16.63
C ILE B 119 16.53 -9.25 -17.14
N ALA B 120 16.31 -7.97 -16.89
CA ALA B 120 15.11 -7.28 -17.36
C ALA B 120 15.36 -6.62 -18.69
N ALA B 121 14.34 -6.60 -19.55
CA ALA B 121 14.48 -5.88 -20.81
C ALA B 121 14.37 -4.38 -20.56
N PRO B 122 14.92 -3.55 -21.48
CA PRO B 122 14.87 -2.08 -21.28
C PRO B 122 13.48 -1.55 -20.97
N ARG B 123 12.46 -1.95 -21.72
CA ARG B 123 11.08 -1.80 -21.30
C ARG B 123 10.66 -3.13 -20.71
N SER B 124 10.30 -3.13 -19.42
CA SER B 124 9.87 -4.34 -18.74
C SER B 124 9.07 -3.97 -17.49
N PHE B 125 8.46 -4.98 -16.91
CA PHE B 125 7.58 -4.85 -15.78
C PHE B 125 7.98 -5.85 -14.70
N ILE B 126 7.67 -5.49 -13.46
CA ILE B 126 7.94 -6.33 -12.31
C ILE B 126 6.70 -6.32 -11.43
N PHE B 127 6.42 -7.46 -10.84
CA PHE B 127 5.40 -7.60 -9.82
C PHE B 127 6.11 -8.25 -8.65
N LEU B 128 6.10 -7.57 -7.51
CA LEU B 128 6.91 -7.94 -6.35
C LEU B 128 5.98 -8.12 -5.15
N TRP B 129 5.95 -9.35 -4.60
CA TRP B 129 5.15 -9.63 -3.41
C TRP B 129 5.92 -9.12 -2.19
N CYS B 130 5.32 -8.19 -1.44
CA CYS B 130 6.03 -7.44 -0.42
C CYS B 130 5.57 -7.74 0.99
N GLY B 131 4.53 -8.54 1.15
CA GLY B 131 4.07 -8.89 2.47
C GLY B 131 3.18 -7.79 2.98
N SER B 132 3.31 -7.47 4.25
CA SER B 132 2.52 -6.36 4.79
C SER B 132 3.26 -5.57 5.85
N GLY B 133 4.57 -5.74 6.00
CA GLY B 133 5.36 -5.04 7.00
C GLY B 133 6.44 -4.18 6.37
N GLU B 134 7.70 -4.40 6.77
CA GLU B 134 8.78 -3.54 6.27
C GLU B 134 8.94 -3.70 4.78
N GLY B 135 8.48 -4.82 4.23
CA GLY B 135 8.55 -5.01 2.80
C GLY B 135 7.87 -3.90 2.03
N LEU B 136 6.85 -3.27 2.62
CA LEU B 136 6.15 -2.22 1.89
C LEU B 136 7.05 -1.04 1.62
N ASP B 137 8.14 -0.90 2.39
CA ASP B 137 9.11 0.17 2.21
C ASP B 137 10.37 -0.33 1.52
N LEU B 138 10.89 -1.49 1.97
CA LEU B 138 12.07 -2.09 1.35
C LEU B 138 11.77 -2.59 -0.07
N GLY B 139 10.54 -3.04 -0.33
CA GLY B 139 10.17 -3.41 -1.68
C GLY B 139 10.24 -2.22 -2.64
N ARG B 140 9.88 -1.04 -2.15
CA ARG B 140 9.99 0.14 -2.99
C ARG B 140 11.46 0.47 -3.28
N VAL B 141 12.32 0.42 -2.25
CA VAL B 141 13.75 0.64 -2.49
C VAL B 141 14.27 -0.32 -3.54
N CYS B 142 13.86 -1.59 -3.46
CA CYS B 142 14.28 -2.59 -4.43
C CYS B 142 13.90 -2.17 -5.84
N LEU B 143 12.63 -1.79 -6.04
CA LEU B 143 12.16 -1.36 -7.35
C LEU B 143 13.03 -0.25 -7.91
N ARG B 144 13.39 0.73 -7.07
CA ARG B 144 14.28 1.78 -7.54
C ARG B 144 15.69 1.25 -7.78
N LYS B 145 16.24 0.50 -6.83
CA LYS B 145 17.52 -0.21 -6.99
C LYS B 145 17.64 -0.83 -8.39
N TRP B 146 16.61 -1.56 -8.83
CA TRP B 146 16.63 -2.25 -10.13
C TRP B 146 16.14 -1.38 -11.28
N GLY B 147 15.78 -0.13 -11.02
CA GLY B 147 15.50 0.78 -12.10
C GLY B 147 14.04 0.96 -12.46
N TYR B 148 13.12 0.49 -11.63
CA TYR B 148 11.71 0.63 -11.94
C TYR B 148 11.15 1.78 -11.14
N ARG B 149 9.98 2.23 -11.57
CA ARG B 149 9.14 3.14 -10.79
C ARG B 149 7.80 2.45 -10.60
N ARG B 150 7.17 2.66 -9.44
CA ARG B 150 5.95 1.95 -9.08
C ARG B 150 4.73 2.60 -9.71
N CYS B 151 4.09 1.90 -10.66
CA CYS B 151 2.87 2.46 -11.25
C CYS B 151 1.60 2.01 -10.53
N GLU B 152 1.60 0.84 -9.90
CA GLU B 152 0.40 0.31 -9.26
C GLU B 152 0.76 -0.38 -7.97
N ASP B 153 -0.20 -0.38 -7.04
CA ASP B 153 -0.08 -1.03 -5.74
C ASP B 153 -1.28 -1.98 -5.66
N ILE B 154 -1.07 -3.21 -6.14
CA ILE B 154 -2.09 -4.25 -6.06
C ILE B 154 -2.08 -4.84 -4.66
N CYS B 155 -3.26 -4.95 -4.05
N CYS B 155 -3.26 -4.92 -4.03
CA CYS B 155 -3.36 -5.33 -2.65
CA CYS B 155 -3.36 -5.35 -2.64
C CYS B 155 -4.31 -6.53 -2.50
C CYS B 155 -4.31 -6.54 -2.52
N TRP B 156 -3.83 -7.61 -1.90
CA TRP B 156 -4.60 -8.84 -1.69
C TRP B 156 -5.24 -8.80 -0.31
N ILE B 157 -6.56 -8.57 -0.26
CA ILE B 157 -7.31 -8.51 0.99
C ILE B 157 -7.85 -9.89 1.32
N LYS B 158 -7.56 -10.39 2.52
CA LYS B 158 -7.90 -11.74 2.92
C LYS B 158 -9.12 -11.70 3.84
N THR B 159 -10.20 -12.34 3.40
CA THR B 159 -11.39 -12.48 4.24
C THR B 159 -11.19 -13.62 5.26
N ASN B 160 -12.01 -13.58 6.32
CA ASN B 160 -11.95 -14.59 7.38
C ASN B 160 -13.35 -15.14 7.70
N LYS B 161 -14.21 -15.28 6.68
CA LYS B 161 -15.57 -15.77 6.87
C LYS B 161 -15.62 -17.12 7.58
N ASN B 162 -14.63 -17.97 7.36
CA ASN B 162 -14.58 -19.31 7.92
C ASN B 162 -13.89 -19.40 9.26
N ASN B 163 -13.35 -18.30 9.79
CA ASN B 163 -12.76 -18.39 11.12
C ASN B 163 -12.71 -17.04 11.82
N PRO B 164 -13.86 -16.36 12.06
CA PRO B 164 -13.92 -15.11 12.84
C PRO B 164 -13.22 -15.20 14.20
N THR B 169 -2.01 -13.08 17.27
CA THR B 169 -0.97 -12.88 16.27
C THR B 169 -0.76 -11.39 15.97
N LEU B 170 0.44 -10.87 16.22
CA LEU B 170 0.72 -9.47 15.94
C LEU B 170 2.22 -9.27 15.81
N ASP B 171 2.62 -8.42 14.86
CA ASP B 171 3.99 -7.90 14.80
C ASP B 171 4.16 -6.85 15.90
N PRO B 172 5.30 -6.87 16.61
CA PRO B 172 5.50 -5.88 17.70
C PRO B 172 5.30 -4.43 17.27
N LYS B 173 5.91 -4.03 16.15
CA LYS B 173 5.71 -2.67 15.66
C LYS B 173 4.30 -2.44 15.12
N ALA B 174 3.49 -3.47 14.97
CA ALA B 174 2.17 -3.31 14.38
C ALA B 174 1.24 -2.55 15.30
N VAL B 175 0.42 -1.71 14.69
CA VAL B 175 -0.65 -0.98 15.36
C VAL B 175 -1.99 -1.68 15.19
N PHE B 176 -2.22 -2.28 14.03
CA PHE B 176 -3.48 -2.92 13.72
C PHE B 176 -3.24 -4.37 13.31
N GLN B 177 -4.33 -5.12 13.23
CA GLN B 177 -4.25 -6.49 12.75
C GLN B 177 -4.06 -6.48 11.24
N ARG B 178 -3.14 -7.30 10.78
CA ARG B 178 -2.77 -7.31 9.37
C ARG B 178 -3.60 -8.34 8.62
N THR B 179 -4.38 -7.87 7.64
CA THR B 179 -5.32 -8.72 6.91
C THR B 179 -5.16 -8.62 5.40
N LYS B 180 -4.00 -8.18 4.93
CA LYS B 180 -3.80 -7.95 3.51
C LYS B 180 -2.32 -8.09 3.23
N GLU B 181 -1.99 -8.34 1.96
CA GLU B 181 -0.62 -8.39 1.47
C GLU B 181 -0.54 -7.49 0.23
N HIS B 182 0.64 -6.92 -0.03
CA HIS B 182 0.80 -6.03 -1.18
C HIS B 182 1.72 -6.63 -2.25
N CYS B 183 1.30 -6.49 -3.51
CA CYS B 183 2.14 -6.84 -4.66
C CYS B 183 2.36 -5.59 -5.49
N LEU B 184 3.58 -5.07 -5.47
CA LEU B 184 3.89 -3.80 -6.12
C LEU B 184 4.27 -4.03 -7.58
N MET B 185 3.77 -3.15 -8.45
CA MET B 185 3.98 -3.27 -9.88
C MET B 185 4.94 -2.17 -10.30
N GLY B 186 5.94 -2.52 -11.08
CA GLY B 186 6.96 -1.57 -11.48
C GLY B 186 7.11 -1.62 -12.98
N ILE B 187 7.31 -0.44 -13.57
CA ILE B 187 7.60 -0.29 -14.98
C ILE B 187 8.95 0.38 -15.11
N LYS B 188 9.69 0.00 -16.14
CA LYS B 188 10.97 0.61 -16.44
C LYS B 188 11.00 0.82 -17.94
N GLY B 189 11.43 1.99 -18.36
CA GLY B 189 11.45 2.30 -19.78
C GLY B 189 10.20 3.05 -20.19
N THR B 190 10.00 3.13 -21.51
CA THR B 190 8.79 3.72 -22.04
C THR B 190 7.71 2.66 -22.16
N VAL B 204 -9.27 -3.05 -17.58
CA VAL B 204 -10.41 -3.84 -17.12
C VAL B 204 -10.29 -4.28 -15.65
N ASP B 205 -9.07 -4.58 -15.21
CA ASP B 205 -8.86 -5.12 -13.86
C ASP B 205 -8.75 -4.00 -12.82
N ILE B 206 -8.90 -4.39 -11.56
CA ILE B 206 -8.82 -3.48 -10.42
C ILE B 206 -7.56 -3.82 -9.63
N ASP B 207 -7.17 -2.92 -8.71
CA ASP B 207 -5.99 -3.13 -7.88
C ASP B 207 -6.32 -3.84 -6.57
N LEU B 208 -7.34 -4.70 -6.54
CA LEU B 208 -7.75 -5.45 -5.36
C LEU B 208 -7.92 -6.93 -5.70
N ILE B 209 -7.36 -7.81 -4.87
CA ILE B 209 -7.70 -9.24 -4.94
C ILE B 209 -8.26 -9.67 -3.60
N ILE B 210 -9.45 -10.25 -3.60
CA ILE B 210 -10.15 -10.63 -2.38
C ILE B 210 -10.39 -12.13 -2.44
N THR B 211 -9.73 -12.87 -1.55
CA THR B 211 -9.95 -14.28 -1.34
C THR B 211 -9.95 -14.54 0.16
N GLU B 212 -10.33 -15.77 0.52
CA GLU B 212 -10.28 -16.20 1.92
C GLU B 212 -8.85 -16.47 2.36
N GLU B 213 -8.53 -16.04 3.59
CA GLU B 213 -7.19 -16.25 4.16
C GLU B 213 -6.79 -17.72 4.13
N PRO B 214 -5.73 -18.08 3.41
CA PRO B 214 -5.35 -19.50 3.33
C PRO B 214 -5.00 -20.08 4.69
N GLU B 215 -5.02 -21.41 4.74
CA GLU B 215 -4.64 -22.16 5.94
C GLU B 215 -3.28 -21.71 6.44
N ILE B 216 -3.06 -21.81 7.75
CA ILE B 216 -1.75 -21.45 8.29
C ILE B 216 -0.71 -22.35 7.64
N GLY B 217 0.44 -21.78 7.30
CA GLY B 217 1.45 -22.52 6.56
C GLY B 217 1.22 -22.62 5.06
N ASN B 218 0.04 -22.26 4.56
CA ASN B 218 -0.15 -22.08 3.14
C ASN B 218 0.44 -20.73 2.77
N ILE B 219 1.53 -20.76 2.01
CA ILE B 219 2.19 -19.54 1.59
C ILE B 219 1.82 -19.13 0.18
N GLU B 220 0.90 -19.85 -0.45
CA GLU B 220 0.58 -19.58 -1.85
C GLU B 220 -0.09 -18.21 -1.99
N LYS B 221 0.26 -17.52 -3.04
CA LYS B 221 -0.43 -16.29 -3.37
C LYS B 221 -1.57 -16.60 -4.34
N PRO B 222 -2.61 -15.76 -4.33
CA PRO B 222 -3.75 -15.97 -5.23
C PRO B 222 -3.32 -16.00 -6.68
N VAL B 223 -3.70 -17.09 -7.36
CA VAL B 223 -3.53 -17.23 -8.80
C VAL B 223 -4.17 -16.07 -9.59
N GLU B 224 -5.04 -15.28 -8.97
CA GLU B 224 -5.58 -14.09 -9.63
C GLU B 224 -4.49 -13.13 -10.12
N ILE B 225 -3.37 -13.03 -9.41
CA ILE B 225 -2.30 -12.12 -9.82
C ILE B 225 -1.84 -12.48 -11.22
N PHE B 226 -1.88 -13.76 -11.57
CA PHE B 226 -1.46 -14.12 -12.92
C PHE B 226 -2.45 -13.62 -13.95
N HIS B 227 -3.72 -13.51 -13.61
CA HIS B 227 -4.67 -13.04 -14.61
C HIS B 227 -4.49 -11.55 -14.83
N ILE B 228 -4.32 -10.80 -13.73
CA ILE B 228 -4.04 -9.37 -13.85
C ILE B 228 -2.81 -9.16 -14.70
N ILE B 229 -1.74 -9.88 -14.42
CA ILE B 229 -0.49 -9.70 -15.18
C ILE B 229 -0.72 -10.00 -16.65
N GLU B 230 -1.33 -11.15 -16.95
CA GLU B 230 -1.48 -11.55 -18.34
C GLU B 230 -2.48 -10.67 -19.08
N HIS B 231 -3.43 -10.07 -18.38
CA HIS B 231 -4.38 -9.19 -19.07
C HIS B 231 -3.78 -7.86 -19.46
N PHE B 232 -2.62 -7.50 -18.91
CA PHE B 232 -1.92 -6.28 -19.33
C PHE B 232 -1.33 -6.40 -20.75
N CYS B 233 -1.13 -7.61 -21.28
CA CYS B 233 -0.55 -7.82 -22.61
C CYS B 233 0.82 -7.17 -22.73
N LEU B 234 1.71 -7.51 -21.82
CA LEU B 234 2.99 -6.81 -21.68
C LEU B 234 4.15 -7.43 -22.45
N GLY B 235 3.95 -8.57 -23.11
CA GLY B 235 5.05 -9.33 -23.69
C GLY B 235 5.01 -10.78 -23.23
N ARG B 236 5.77 -11.59 -23.94
CA ARG B 236 5.65 -13.02 -23.78
C ARG B 236 6.78 -13.65 -22.99
N ARG B 237 7.83 -12.90 -22.66
CA ARG B 237 8.92 -13.43 -21.81
C ARG B 237 8.61 -13.14 -20.35
N ARG B 238 8.02 -14.12 -19.68
CA ARG B 238 7.55 -13.96 -18.31
C ARG B 238 8.31 -14.89 -17.38
N LEU B 239 8.91 -14.30 -16.35
CA LEU B 239 9.78 -15.00 -15.41
C LEU B 239 9.15 -14.91 -14.03
N HIS B 240 9.04 -16.06 -13.36
CA HIS B 240 8.49 -16.16 -12.01
C HIS B 240 9.59 -16.67 -11.10
N LEU B 241 10.19 -15.78 -10.34
CA LEU B 241 11.33 -16.14 -9.49
C LEU B 241 10.79 -16.53 -8.14
N PHE B 242 11.23 -17.69 -7.64
CA PHE B 242 10.76 -18.31 -6.42
C PHE B 242 9.36 -18.93 -6.59
N GLY B 243 8.97 -19.21 -7.82
CA GLY B 243 7.84 -20.09 -8.06
C GLY B 243 8.12 -21.48 -7.51
N ARG B 244 7.10 -22.34 -7.59
CA ARG B 244 7.15 -23.68 -7.06
C ARG B 244 6.48 -24.58 -8.07
N ASP B 245 6.64 -25.90 -7.86
CA ASP B 245 5.92 -26.88 -8.68
C ASP B 245 4.46 -26.50 -8.85
N SER B 246 3.84 -26.01 -7.78
CA SER B 246 2.42 -25.69 -7.79
C SER B 246 2.11 -24.40 -8.54
N THR B 247 3.11 -23.62 -8.93
CA THR B 247 2.85 -22.38 -9.65
C THR B 247 3.20 -22.50 -11.13
N ILE B 248 3.82 -23.60 -11.56
CA ILE B 248 4.17 -23.74 -12.97
C ILE B 248 2.91 -23.56 -13.82
N ARG B 249 3.08 -22.95 -14.99
CA ARG B 249 1.95 -22.32 -15.64
C ARG B 249 2.34 -22.00 -17.06
N PRO B 250 1.48 -22.25 -18.06
CA PRO B 250 1.87 -21.97 -19.45
C PRO B 250 2.10 -20.48 -19.64
N GLY B 251 2.94 -20.14 -20.60
CA GLY B 251 3.32 -18.75 -20.81
C GLY B 251 4.35 -18.20 -19.83
N TRP B 252 4.88 -19.01 -18.93
CA TRP B 252 5.72 -18.55 -17.86
C TRP B 252 6.92 -19.46 -17.73
N LEU B 253 8.05 -18.86 -17.32
CA LEU B 253 9.24 -19.58 -16.95
C LEU B 253 9.40 -19.44 -15.43
N THR B 254 9.47 -20.56 -14.74
CA THR B 254 9.53 -20.60 -13.29
C THR B 254 10.91 -21.00 -12.85
N VAL B 255 11.54 -20.20 -11.98
CA VAL B 255 12.86 -20.48 -11.42
C VAL B 255 12.74 -20.43 -9.90
N GLY B 256 13.18 -21.48 -9.22
CA GLY B 256 12.96 -21.54 -7.80
C GLY B 256 13.66 -22.70 -7.16
N PRO B 257 13.97 -22.56 -5.87
CA PRO B 257 14.82 -23.56 -5.20
C PRO B 257 14.13 -24.87 -4.88
N THR B 258 12.79 -24.90 -4.81
CA THR B 258 12.08 -26.10 -4.44
C THR B 258 11.60 -26.92 -5.61
N LEU B 259 11.56 -26.37 -6.83
CA LEU B 259 11.13 -27.15 -8.00
C LEU B 259 11.79 -28.52 -7.97
N THR B 260 10.99 -29.56 -8.23
CA THR B 260 11.56 -30.90 -8.20
C THR B 260 12.07 -31.34 -9.55
N ASN B 261 11.74 -30.61 -10.63
CA ASN B 261 12.19 -30.94 -11.98
C ASN B 261 12.54 -29.66 -12.74
N SER B 262 13.36 -29.82 -13.78
CA SER B 262 13.68 -28.73 -14.69
C SER B 262 13.56 -29.20 -16.13
N ASN B 263 13.16 -28.29 -16.98
CA ASN B 263 13.14 -28.53 -18.41
C ASN B 263 13.71 -27.32 -19.15
N TYR B 264 14.22 -26.35 -18.41
CA TYR B 264 14.70 -25.12 -19.01
C TYR B 264 15.91 -25.38 -19.88
N ASN B 265 15.88 -24.80 -21.08
CA ASN B 265 17.01 -24.73 -21.98
C ASN B 265 17.06 -23.35 -22.59
N ALA B 266 18.16 -22.64 -22.35
CA ALA B 266 18.28 -21.24 -22.77
C ALA B 266 17.99 -21.06 -24.26
N GLU B 267 18.54 -21.94 -25.10
CA GLU B 267 18.32 -21.81 -26.53
C GLU B 267 16.95 -22.32 -26.95
N THR B 268 16.44 -23.38 -26.33
CA THR B 268 15.06 -23.77 -26.60
C THR B 268 14.09 -22.67 -26.21
N TYR B 269 14.32 -22.02 -25.05
CA TYR B 269 13.46 -20.93 -24.62
C TYR B 269 13.49 -19.76 -25.58
N ALA B 270 14.66 -19.40 -26.07
CA ALA B 270 14.72 -18.24 -26.97
C ALA B 270 14.13 -18.58 -28.32
N SER B 271 14.09 -19.86 -28.67
CA SER B 271 13.43 -20.27 -29.90
C SER B 271 11.98 -19.80 -29.95
N TYR B 272 11.32 -19.65 -28.79
CA TYR B 272 9.90 -19.30 -28.79
C TYR B 272 9.67 -17.86 -29.18
N PHE B 273 10.71 -17.03 -29.11
CA PHE B 273 10.59 -15.60 -29.35
C PHE B 273 11.39 -15.11 -30.55
N SER B 274 12.18 -15.98 -31.20
CA SER B 274 12.82 -15.59 -32.45
C SER B 274 11.75 -15.11 -33.46
N ALA B 275 12.20 -14.30 -34.42
CA ALA B 275 11.29 -13.74 -35.41
C ALA B 275 10.55 -14.87 -36.13
N PRO B 276 9.32 -14.63 -36.58
CA PRO B 276 8.59 -13.34 -36.55
C PRO B 276 7.93 -12.96 -35.21
N ASN B 277 8.21 -13.69 -34.14
CA ASN B 277 7.47 -13.59 -32.89
C ASN B 277 8.11 -12.65 -31.87
N SER B 278 9.05 -11.81 -32.29
CA SER B 278 9.88 -11.04 -31.35
C SER B 278 9.04 -10.18 -30.40
N TYR B 279 8.01 -9.50 -30.92
CA TYR B 279 7.40 -8.39 -30.18
C TYR B 279 5.93 -8.62 -29.86
N LEU B 280 5.46 -9.87 -29.93
CA LEU B 280 4.06 -10.17 -29.63
C LEU B 280 3.71 -9.72 -28.22
N THR B 281 2.47 -9.23 -28.04
CA THR B 281 2.08 -8.77 -26.71
C THR B 281 1.67 -9.93 -25.82
N GLY B 282 1.23 -11.04 -26.41
CA GLY B 282 0.68 -12.13 -25.66
C GLY B 282 -0.83 -12.17 -25.69
N CYS B 283 -1.45 -11.16 -26.29
CA CYS B 283 -2.89 -11.13 -26.52
C CYS B 283 -3.19 -11.16 -28.02
N THR B 284 -2.27 -11.73 -28.79
CA THR B 284 -2.25 -11.60 -30.25
C THR B 284 -2.32 -13.00 -30.88
N GLU B 285 -2.88 -13.05 -32.10
CA GLU B 285 -3.08 -14.30 -32.86
C GLU B 285 -1.82 -15.14 -33.07
#